data_6HEM
#
_entry.id   6HEM
#
_cell.length_a   55.957
_cell.length_b   78.288
_cell.length_c   84.909
_cell.angle_alpha   90.00
_cell.angle_beta   90.00
_cell.angle_gamma   90.00
#
_symmetry.space_group_name_H-M   'P 21 21 21'
#
loop_
_entity.id
_entity.type
_entity.pdbx_description
1 polymer 'Ubiquitin carboxyl-terminal hydrolase 25'
2 non-polymer GLYCEROL
3 non-polymer 'SODIUM ION'
4 water water
#
_entity_poly.entity_id   1
_entity_poly.type   'polypeptide(L)'
_entity_poly.pdbx_seq_one_letter_code
;GPDFSKHLKEETIQIITKASHEHEDKSPETVLQSAIKLEYARLVKLAQEDTPPETDYRLHHVVVYFIQNQAPKKIIEKTL
LEQFGDRNLSFDERCHNIMKVAQAKLEMIKPEEVNLEEYEEWHQDYRKFRETTMYLIIGLENFQRESYIDSLLFLICAYQ
NNKELLSKGLYRGHDEELISHYRRECLLKLNEQAAELFESGEDREVNNGLIIMNEFIVPFLPLLLVDEMEEKDILAVEDM
RNRWCSYLGQEMEPHLQEKLTDFLPKLLDCSMEIKSFHEPPKLPSYSTHELCERFARIMLSLS
;
_entity_poly.pdbx_strand_id   A
#
loop_
_chem_comp.id
_chem_comp.type
_chem_comp.name
_chem_comp.formula
GOL non-polymer GLYCEROL 'C3 H8 O3'
NA non-polymer 'SODIUM ION' 'Na 1'
#
# COMPACT_ATOMS: atom_id res chain seq x y z
N PHE A 4 -12.96 -15.99 2.79
CA PHE A 4 -12.02 -16.59 3.73
C PHE A 4 -12.02 -15.84 5.06
N SER A 5 -13.11 -15.12 5.33
CA SER A 5 -13.25 -14.36 6.57
C SER A 5 -14.64 -14.59 7.13
N LYS A 6 -14.77 -14.37 8.44
CA LYS A 6 -16.09 -14.48 9.07
C LYS A 6 -17.09 -13.54 8.41
N HIS A 7 -16.68 -12.30 8.15
CA HIS A 7 -17.58 -11.36 7.49
C HIS A 7 -17.94 -11.83 6.09
N LEU A 8 -16.94 -12.28 5.32
CA LEU A 8 -17.18 -12.69 3.94
C LEU A 8 -17.94 -14.02 3.87
N LYS A 9 -17.59 -14.99 4.72
CA LYS A 9 -18.33 -16.25 4.75
C LYS A 9 -19.79 -16.02 5.11
N GLU A 10 -20.04 -15.20 6.13
CA GLU A 10 -21.41 -14.91 6.53
C GLU A 10 -22.12 -14.05 5.50
N GLU A 11 -21.39 -13.13 4.86
CA GLU A 11 -22.01 -12.37 3.78
C GLU A 11 -22.35 -13.29 2.60
N THR A 12 -21.50 -14.27 2.33
CA THR A 12 -21.77 -15.19 1.23
C THR A 12 -22.96 -16.09 1.54
N ILE A 13 -23.07 -16.55 2.79
CA ILE A 13 -24.24 -17.36 3.14
C ILE A 13 -25.50 -16.52 3.11
N GLN A 14 -25.44 -15.29 3.63
CA GLN A 14 -26.60 -14.42 3.63
C GLN A 14 -27.07 -14.12 2.20
N ILE A 15 -26.13 -13.92 1.27
CA ILE A 15 -26.55 -13.61 -0.08
C ILE A 15 -27.15 -14.85 -0.76
N ILE A 16 -26.65 -16.04 -0.41
CA ILE A 16 -27.20 -17.28 -0.96
C ILE A 16 -28.65 -17.47 -0.50
N THR A 17 -28.91 -17.22 0.77
CA THR A 17 -30.27 -17.37 1.28
C THR A 17 -31.20 -16.34 0.64
N LYS A 18 -30.75 -15.10 0.53
CA LYS A 18 -31.54 -14.10 -0.20
C LYS A 18 -31.72 -14.50 -1.66
N ALA A 19 -30.69 -15.09 -2.28
CA ALA A 19 -30.83 -15.51 -3.66
C ALA A 19 -31.87 -16.62 -3.80
N SER A 20 -31.90 -17.56 -2.85
CA SER A 20 -32.80 -18.70 -2.94
C SER A 20 -34.27 -18.26 -3.00
N HIS A 21 -34.61 -17.14 -2.37
CA HIS A 21 -35.97 -16.65 -2.39
C HIS A 21 -36.39 -16.01 -3.71
N GLU A 22 -35.49 -15.91 -4.69
CA GLU A 22 -35.81 -15.14 -5.89
C GLU A 22 -36.60 -15.93 -6.92
N HIS A 23 -36.48 -17.25 -6.92
CA HIS A 23 -37.20 -18.10 -7.86
C HIS A 23 -37.76 -19.30 -7.12
N GLU A 24 -38.86 -19.83 -7.66
CA GLU A 24 -39.43 -21.05 -7.11
C GLU A 24 -38.42 -22.20 -7.21
N ASP A 25 -37.74 -22.30 -8.34
CA ASP A 25 -36.69 -23.29 -8.53
C ASP A 25 -35.56 -23.04 -7.55
N LYS A 26 -35.25 -24.05 -6.73
CA LYS A 26 -34.17 -23.94 -5.75
C LYS A 26 -32.95 -24.78 -6.12
N SER A 27 -32.81 -25.16 -7.39
CA SER A 27 -31.65 -25.93 -7.76
C SER A 27 -30.38 -25.11 -7.50
N PRO A 28 -29.27 -25.74 -7.12
CA PRO A 28 -28.06 -24.96 -6.84
C PRO A 28 -27.59 -24.15 -8.04
N GLU A 29 -27.88 -24.64 -9.25
CA GLU A 29 -27.49 -23.92 -10.46
C GLU A 29 -28.24 -22.61 -10.58
N THR A 30 -29.54 -22.62 -10.28
CA THR A 30 -30.35 -21.41 -10.33
C THR A 30 -29.96 -20.45 -9.21
N VAL A 31 -29.81 -20.98 -7.99
CA VAL A 31 -29.49 -20.14 -6.84
C VAL A 31 -28.12 -19.50 -7.03
N LEU A 32 -27.14 -20.26 -7.52
CA LEU A 32 -25.80 -19.71 -7.72
C LEU A 32 -25.82 -18.54 -8.69
N GLN A 33 -26.55 -18.67 -9.78
CA GLN A 33 -26.65 -17.59 -10.75
C GLN A 33 -27.26 -16.35 -10.12
N SER A 34 -28.33 -16.51 -9.32
CA SER A 34 -28.91 -15.35 -8.65
C SER A 34 -27.98 -14.79 -7.59
N ALA A 35 -27.23 -15.66 -6.89
CA ALA A 35 -26.35 -15.19 -5.83
C ALA A 35 -25.22 -14.36 -6.42
N ILE A 36 -24.68 -14.81 -7.55
CA ILE A 36 -23.60 -14.05 -8.21
C ILE A 36 -24.11 -12.68 -8.62
N LYS A 37 -25.32 -12.61 -9.19
CA LYS A 37 -25.87 -11.33 -9.60
C LYS A 37 -26.12 -10.42 -8.41
N LEU A 38 -26.60 -10.96 -7.29
CA LEU A 38 -26.86 -10.15 -6.11
C LEU A 38 -25.56 -9.66 -5.50
N GLU A 39 -24.57 -10.54 -5.41
CA GLU A 39 -23.28 -10.16 -4.84
C GLU A 39 -22.59 -9.11 -5.71
N TYR A 40 -22.65 -9.27 -7.03
CA TYR A 40 -22.07 -8.25 -7.90
C TYR A 40 -22.74 -6.90 -7.66
N ALA A 41 -24.08 -6.90 -7.57
CA ALA A 41 -24.78 -5.65 -7.31
C ALA A 41 -24.38 -5.04 -5.98
N ARG A 42 -24.19 -5.88 -4.95
CA ARG A 42 -23.78 -5.37 -3.63
C ARG A 42 -22.42 -4.70 -3.72
N LEU A 43 -21.50 -5.30 -4.47
CA LEU A 43 -20.16 -4.74 -4.61
C LEU A 43 -20.16 -3.53 -5.52
N VAL A 44 -21.03 -3.49 -6.53
CA VAL A 44 -21.14 -2.28 -7.35
C VAL A 44 -21.59 -1.11 -6.50
N LYS A 45 -22.53 -1.35 -5.59
CA LYS A 45 -22.98 -0.28 -4.72
C LYS A 45 -21.82 0.28 -3.90
N LEU A 46 -20.97 -0.61 -3.37
CA LEU A 46 -19.79 -0.14 -2.63
C LEU A 46 -18.86 0.65 -3.53
N ALA A 47 -18.65 0.16 -4.78
CA ALA A 47 -17.73 0.80 -5.70
C ALA A 47 -18.19 2.20 -6.06
N GLN A 48 -19.51 2.41 -6.09
CA GLN A 48 -20.11 3.68 -6.49
C GLN A 48 -20.13 4.70 -5.36
N GLU A 49 -19.91 4.27 -4.12
CA GLU A 49 -20.14 5.13 -2.97
C GLU A 49 -19.05 6.18 -2.81
N ASP A 50 -19.46 7.42 -2.53
CA ASP A 50 -18.50 8.47 -2.18
C ASP A 50 -18.15 8.29 -0.71
N THR A 51 -16.90 7.96 -0.42
CA THR A 51 -16.63 7.60 0.97
C THR A 51 -15.74 8.64 1.63
N PRO A 52 -15.79 8.73 2.96
CA PRO A 52 -14.88 9.63 3.69
C PRO A 52 -13.44 9.12 3.60
N PRO A 53 -12.46 9.91 4.06
CA PRO A 53 -11.06 9.50 3.83
C PRO A 53 -10.65 8.24 4.58
N GLU A 54 -11.30 7.93 5.70
CA GLU A 54 -10.93 6.77 6.51
C GLU A 54 -11.47 5.45 5.96
N THR A 55 -12.30 5.48 4.92
CA THR A 55 -12.93 4.28 4.39
C THR A 55 -12.55 4.16 2.92
N ASP A 56 -12.14 2.97 2.50
CA ASP A 56 -11.76 2.72 1.11
C ASP A 56 -12.30 1.33 0.80
N TYR A 57 -13.44 1.27 0.10
CA TYR A 57 -14.07 -0.03 -0.08
C TYR A 57 -13.23 -0.95 -0.98
N ARG A 58 -12.23 -0.44 -1.69
CA ARG A 58 -11.32 -1.33 -2.42
C ARG A 58 -10.58 -2.26 -1.47
N LEU A 59 -10.37 -1.82 -0.23
CA LEU A 59 -9.70 -2.65 0.75
C LEU A 59 -10.60 -3.76 1.28
N HIS A 60 -11.91 -3.63 1.14
CA HIS A 60 -12.84 -4.60 1.69
C HIS A 60 -13.04 -5.82 0.79
N HIS A 61 -12.88 -5.69 -0.53
CA HIS A 61 -13.16 -6.82 -1.41
C HIS A 61 -12.46 -6.58 -2.74
N VAL A 62 -11.79 -7.61 -3.25
CA VAL A 62 -11.07 -7.50 -4.52
C VAL A 62 -11.99 -7.07 -5.66
N VAL A 63 -13.27 -7.49 -5.64
CA VAL A 63 -14.13 -7.14 -6.77
C VAL A 63 -14.47 -5.64 -6.78
N VAL A 64 -14.45 -4.95 -5.61
CA VAL A 64 -14.60 -3.50 -5.66
C VAL A 64 -13.42 -2.86 -6.40
N TYR A 65 -12.19 -3.31 -6.11
CA TYR A 65 -11.02 -2.88 -6.87
C TYR A 65 -11.20 -3.16 -8.36
N PHE A 66 -11.72 -4.34 -8.69
CA PHE A 66 -11.89 -4.70 -10.11
C PHE A 66 -12.93 -3.81 -10.79
N ILE A 67 -14.02 -3.49 -10.09
CA ILE A 67 -15.05 -2.63 -10.69
C ILE A 67 -14.49 -1.24 -10.97
N GLN A 68 -13.85 -0.64 -9.96
CA GLN A 68 -13.36 0.72 -10.15
C GLN A 68 -12.27 0.78 -11.19
N ASN A 69 -11.53 -0.31 -11.40
CA ASN A 69 -10.45 -0.36 -12.38
C ASN A 69 -10.90 -0.96 -13.71
N GLN A 70 -12.19 -1.22 -13.86
CA GLN A 70 -12.78 -1.72 -15.12
C GLN A 70 -12.13 -3.01 -15.62
N ALA A 71 -11.95 -3.95 -14.69
CA ALA A 71 -11.46 -5.26 -15.08
C ALA A 71 -12.51 -5.93 -15.97
N PRO A 72 -12.08 -6.80 -16.88
CA PRO A 72 -13.03 -7.53 -17.73
C PRO A 72 -14.10 -8.24 -16.92
N LYS A 73 -15.33 -8.22 -17.45
CA LYS A 73 -16.47 -8.82 -16.75
C LYS A 73 -16.24 -10.30 -16.46
N LYS A 74 -15.64 -11.04 -17.41
CA LYS A 74 -15.44 -12.45 -17.18
C LYS A 74 -14.42 -12.72 -16.09
N ILE A 75 -13.49 -11.78 -15.86
CA ILE A 75 -12.53 -11.91 -14.77
C ILE A 75 -13.22 -11.70 -13.43
N ILE A 76 -14.12 -10.73 -13.37
CA ILE A 76 -14.92 -10.54 -12.16
C ILE A 76 -15.80 -11.75 -11.91
N GLU A 77 -16.37 -12.31 -12.99
CA GLU A 77 -17.26 -13.45 -12.79
C GLU A 77 -16.50 -14.65 -12.26
N LYS A 78 -15.32 -14.92 -12.80
CA LYS A 78 -14.54 -16.05 -12.26
C LYS A 78 -14.15 -15.80 -10.82
N THR A 79 -13.76 -14.57 -10.47
CA THR A 79 -13.45 -14.27 -9.09
C THR A 79 -14.63 -14.54 -8.17
N LEU A 80 -15.84 -14.15 -8.59
CA LEU A 80 -17.01 -14.39 -7.76
C LEU A 80 -17.30 -15.89 -7.66
N LEU A 81 -17.12 -16.63 -8.76
CA LEU A 81 -17.29 -18.08 -8.69
C LEU A 81 -16.32 -18.70 -7.69
N GLU A 82 -15.10 -18.15 -7.59
CA GLU A 82 -14.16 -18.68 -6.62
C GLU A 82 -14.60 -18.41 -5.19
N GLN A 83 -15.32 -17.32 -4.97
CA GLN A 83 -15.85 -17.01 -3.65
C GLN A 83 -16.92 -18.02 -3.26
N PHE A 84 -17.84 -18.29 -4.18
CA PHE A 84 -18.92 -19.24 -3.91
C PHE A 84 -18.44 -20.69 -3.96
N GLY A 85 -17.29 -20.94 -4.57
CA GLY A 85 -16.69 -22.26 -4.57
C GLY A 85 -15.68 -22.53 -3.47
N ASP A 86 -15.51 -21.60 -2.52
CA ASP A 86 -14.51 -21.73 -1.48
C ASP A 86 -14.86 -22.86 -0.52
N ARG A 87 -13.84 -23.63 -0.12
CA ARG A 87 -14.06 -24.81 0.73
C ARG A 87 -14.69 -24.46 2.08
N ASN A 88 -14.60 -23.22 2.55
CA ASN A 88 -15.17 -22.88 3.86
C ASN A 88 -16.69 -22.81 3.81
N LEU A 89 -17.29 -22.85 2.64
CA LEU A 89 -18.73 -23.02 2.50
C LEU A 89 -19.17 -24.47 2.58
N SER A 90 -18.26 -25.40 2.90
CA SER A 90 -18.55 -26.81 2.65
C SER A 90 -19.43 -27.44 3.71
N PHE A 91 -19.42 -26.92 4.94
CA PHE A 91 -20.16 -27.60 6.00
C PHE A 91 -21.65 -27.25 5.95
N ASP A 92 -21.97 -25.96 5.82
CA ASP A 92 -23.33 -25.49 6.04
C ASP A 92 -24.28 -26.01 4.95
N GLU A 93 -25.47 -26.43 5.36
CA GLU A 93 -26.43 -27.00 4.44
C GLU A 93 -26.84 -26.01 3.35
N ARG A 94 -26.88 -24.72 3.70
CA ARG A 94 -27.38 -23.73 2.75
C ARG A 94 -26.43 -23.54 1.57
N CYS A 95 -25.13 -23.72 1.77
CA CYS A 95 -24.14 -23.37 0.76
C CYS A 95 -23.37 -24.55 0.16
N HIS A 96 -23.51 -25.76 0.71
CA HIS A 96 -22.62 -26.85 0.29
C HIS A 96 -22.82 -27.23 -1.18
N ASN A 97 -24.08 -27.38 -1.61
CA ASN A 97 -24.32 -27.81 -2.98
C ASN A 97 -24.05 -26.69 -3.98
N ILE A 98 -24.26 -25.45 -3.57
CA ILE A 98 -23.89 -24.32 -4.43
C ILE A 98 -22.40 -24.29 -4.65
N MET A 99 -21.64 -24.52 -3.58
CA MET A 99 -20.20 -24.54 -3.67
C MET A 99 -19.72 -25.58 -4.68
N LYS A 100 -20.35 -26.76 -4.69
CA LYS A 100 -19.95 -27.77 -5.67
C LYS A 100 -20.32 -27.36 -7.10
N VAL A 101 -21.44 -26.67 -7.29
CA VAL A 101 -21.77 -26.21 -8.63
C VAL A 101 -20.76 -25.16 -9.08
N ALA A 102 -20.36 -24.25 -8.19
CA ALA A 102 -19.38 -23.23 -8.55
C ALA A 102 -18.05 -23.87 -8.93
N GLN A 103 -17.60 -24.85 -8.13
CA GLN A 103 -16.38 -25.57 -8.46
C GLN A 103 -16.50 -26.26 -9.81
N ALA A 104 -17.68 -26.78 -10.13
CA ALA A 104 -17.91 -27.39 -11.43
C ALA A 104 -17.82 -26.36 -12.56
N LYS A 105 -18.41 -25.18 -12.37
CA LYS A 105 -18.33 -24.15 -13.41
C LYS A 105 -16.91 -23.64 -13.60
N LEU A 106 -16.13 -23.55 -12.52
CA LEU A 106 -14.76 -23.08 -12.67
C LEU A 106 -13.96 -23.99 -13.59
N GLU A 107 -14.27 -25.29 -13.59
CA GLU A 107 -13.56 -26.21 -14.46
C GLU A 107 -13.96 -26.06 -15.92
N MET A 108 -15.16 -25.56 -16.19
CA MET A 108 -15.63 -25.47 -17.56
C MET A 108 -15.12 -24.24 -18.29
N ILE A 109 -14.65 -23.20 -17.57
CA ILE A 109 -14.22 -21.97 -18.22
C ILE A 109 -13.08 -22.25 -19.19
N LYS A 110 -13.23 -21.77 -20.43
CA LYS A 110 -12.18 -22.02 -21.41
C LYS A 110 -11.16 -20.89 -21.44
N PRO A 111 -9.90 -21.19 -21.79
CA PRO A 111 -8.90 -20.11 -21.93
C PRO A 111 -9.34 -19.00 -22.87
N GLU A 112 -10.29 -19.27 -23.76
CA GLU A 112 -10.84 -18.21 -24.62
C GLU A 112 -11.70 -17.23 -23.84
N GLU A 113 -12.36 -17.67 -22.77
CA GLU A 113 -13.18 -16.77 -21.97
C GLU A 113 -12.36 -16.03 -20.93
N VAL A 114 -11.42 -16.72 -20.28
CA VAL A 114 -10.58 -16.12 -19.25
C VAL A 114 -9.15 -16.59 -19.48
N ASN A 115 -8.28 -15.67 -19.87
CA ASN A 115 -6.87 -15.98 -19.94
C ASN A 115 -6.32 -16.11 -18.53
N LEU A 116 -5.68 -17.23 -18.22
CA LEU A 116 -5.24 -17.46 -16.85
C LEU A 116 -4.17 -16.46 -16.42
N GLU A 117 -3.26 -16.11 -17.32
CA GLU A 117 -2.24 -15.12 -16.96
C GLU A 117 -2.84 -13.75 -16.72
N GLU A 118 -3.85 -13.38 -17.51
CA GLU A 118 -4.55 -12.11 -17.29
C GLU A 118 -5.29 -12.09 -15.96
N TYR A 119 -6.00 -13.18 -15.66
CA TYR A 119 -6.64 -13.35 -14.36
C TYR A 119 -5.64 -13.18 -13.22
N GLU A 120 -4.52 -13.88 -13.31
CA GLU A 120 -3.52 -13.79 -12.25
C GLU A 120 -2.89 -12.40 -12.17
N GLU A 121 -2.75 -11.72 -13.31
CA GLU A 121 -2.19 -10.37 -13.29
C GLU A 121 -3.10 -9.42 -12.52
N TRP A 122 -4.41 -9.53 -12.73
CA TRP A 122 -5.35 -8.68 -12.00
C TRP A 122 -5.30 -8.95 -10.50
N HIS A 123 -5.20 -10.22 -10.11
CA HIS A 123 -5.15 -10.52 -8.69
C HIS A 123 -3.81 -10.14 -8.09
N GLN A 124 -2.74 -10.16 -8.89
CA GLN A 124 -1.46 -9.66 -8.41
C GLN A 124 -1.48 -8.15 -8.24
N ASP A 125 -2.19 -7.42 -9.10
CA ASP A 125 -2.33 -5.98 -8.88
C ASP A 125 -3.01 -5.72 -7.55
N TYR A 126 -4.10 -6.45 -7.28
CA TYR A 126 -4.81 -6.25 -6.02
C TYR A 126 -3.92 -6.59 -4.83
N ARG A 127 -3.15 -7.68 -4.93
CA ARG A 127 -2.21 -8.02 -3.88
C ARG A 127 -1.22 -6.90 -3.62
N LYS A 128 -0.68 -6.32 -4.70
CA LYS A 128 0.25 -5.21 -4.58
C LYS A 128 -0.43 -3.98 -3.97
N PHE A 129 -1.67 -3.72 -4.36
CA PHE A 129 -2.43 -2.62 -3.74
C PHE A 129 -2.56 -2.82 -2.24
N ARG A 130 -2.86 -4.05 -1.78
CA ARG A 130 -2.96 -4.28 -0.35
C ARG A 130 -1.61 -4.12 0.35
N GLU A 131 -0.54 -4.62 -0.29
CA GLU A 131 0.80 -4.47 0.28
C GLU A 131 1.18 -3.00 0.38
N THR A 132 0.91 -2.24 -0.69
CA THR A 132 1.18 -0.81 -0.71
C THR A 132 0.43 -0.10 0.41
N THR A 133 -0.84 -0.46 0.60
CA THR A 133 -1.62 0.09 1.70
C THR A 133 -0.96 -0.19 3.05
N MET A 134 -0.48 -1.42 3.26
CA MET A 134 0.16 -1.72 4.54
C MET A 134 1.49 -0.99 4.70
N TYR A 135 2.28 -0.84 3.62
CA TYR A 135 3.47 -0.01 3.72
C TYR A 135 3.11 1.40 4.16
N LEU A 136 2.06 1.94 3.57
CA LEU A 136 1.64 3.29 3.91
C LEU A 136 1.17 3.37 5.36
N ILE A 137 0.37 2.38 5.79
CA ILE A 137 -0.13 2.37 7.17
C ILE A 137 1.02 2.37 8.16
N ILE A 138 1.98 1.46 7.97
CA ILE A 138 3.08 1.36 8.92
C ILE A 138 3.95 2.60 8.84
N GLY A 139 4.14 3.15 7.63
CA GLY A 139 4.92 4.37 7.49
C GLY A 139 4.30 5.52 8.26
N LEU A 140 2.97 5.68 8.14
CA LEU A 140 2.30 6.75 8.86
C LEU A 140 2.17 6.46 10.36
N GLU A 141 1.97 5.20 10.76
CA GLU A 141 1.92 4.88 12.18
C GLU A 141 3.23 5.24 12.86
N ASN A 142 4.35 4.93 12.21
CA ASN A 142 5.64 5.32 12.78
C ASN A 142 5.85 6.83 12.73
N PHE A 143 5.39 7.47 11.64
CA PHE A 143 5.52 8.92 11.56
C PHE A 143 4.81 9.58 12.73
N GLN A 144 3.62 9.09 13.06
CA GLN A 144 2.83 9.65 14.15
C GLN A 144 3.48 9.43 15.51
N ARG A 145 4.25 8.37 15.65
CA ARG A 145 5.03 8.09 16.87
C ARG A 145 6.37 8.81 16.88
N GLU A 146 6.68 9.59 15.84
CA GLU A 146 7.97 10.27 15.70
C GLU A 146 9.12 9.28 15.62
N SER A 147 8.83 8.10 15.08
CA SER A 147 9.85 7.08 14.80
C SER A 147 10.20 7.19 13.33
N TYR A 148 11.08 8.15 13.00
CA TYR A 148 11.26 8.57 11.61
C TYR A 148 12.10 7.59 10.78
N ILE A 149 12.99 6.81 11.40
CA ILE A 149 13.74 5.81 10.64
C ILE A 149 12.81 4.74 10.09
N ASP A 150 12.01 4.12 10.98
CA ASP A 150 11.07 3.12 10.50
C ASP A 150 10.07 3.72 9.54
N SER A 151 9.61 4.95 9.83
CA SER A 151 8.64 5.58 8.95
C SER A 151 9.21 5.73 7.54
N LEU A 152 10.45 6.23 7.42
CA LEU A 152 11.01 6.50 6.10
C LEU A 152 11.04 5.24 5.22
N LEU A 153 11.55 4.13 5.77
CA LEU A 153 11.72 2.95 4.92
C LEU A 153 10.40 2.46 4.38
N PHE A 154 9.35 2.52 5.20
CA PHE A 154 8.05 2.07 4.75
C PHE A 154 7.41 3.07 3.80
N LEU A 155 7.59 4.37 4.04
CA LEU A 155 7.03 5.36 3.13
C LEU A 155 7.71 5.33 1.77
N ILE A 156 9.02 5.07 1.72
CA ILE A 156 9.72 4.96 0.44
C ILE A 156 9.13 3.83 -0.38
N CYS A 157 8.82 2.71 0.27
CA CYS A 157 8.22 1.58 -0.44
C CYS A 157 6.78 1.87 -0.85
N ALA A 158 6.00 2.48 0.04
CA ALA A 158 4.64 2.87 -0.34
C ALA A 158 4.66 3.79 -1.56
N TYR A 159 5.57 4.77 -1.57
CA TYR A 159 5.60 5.75 -2.65
C TYR A 159 5.92 5.08 -3.99
N GLN A 160 6.94 4.22 -4.00
CA GLN A 160 7.37 3.59 -5.25
C GLN A 160 6.33 2.62 -5.76
N ASN A 161 5.84 1.73 -4.88
CA ASN A 161 4.75 0.84 -5.25
C ASN A 161 3.58 1.62 -5.85
N ASN A 162 3.22 2.74 -5.21
CA ASN A 162 2.04 3.48 -5.63
C ASN A 162 2.23 4.08 -7.02
N LYS A 163 3.40 4.65 -7.29
CA LYS A 163 3.64 5.17 -8.63
C LYS A 163 3.54 4.06 -9.66
N GLU A 164 4.05 2.87 -9.32
CA GLU A 164 3.97 1.74 -10.23
C GLU A 164 2.54 1.32 -10.47
N LEU A 165 1.73 1.26 -9.40
CA LEU A 165 0.32 0.89 -9.55
C LEU A 165 -0.41 1.89 -10.42
N LEU A 166 -0.21 3.20 -10.15
CA LEU A 166 -0.93 4.24 -10.87
C LEU A 166 -0.50 4.35 -12.31
N SER A 167 0.68 3.81 -12.66
CA SER A 167 1.04 3.76 -14.08
C SER A 167 0.11 2.85 -14.86
N LYS A 168 -0.58 1.92 -14.17
CA LYS A 168 -1.50 1.00 -14.85
C LYS A 168 -2.93 1.51 -14.92
N GLY A 169 -3.29 2.50 -14.09
CA GLY A 169 -4.59 3.12 -14.16
C GLY A 169 -4.91 4.00 -12.97
N LEU A 170 -5.85 4.92 -13.17
CA LEU A 170 -6.14 5.98 -12.19
C LEU A 170 -6.68 5.43 -10.87
N TYR A 171 -7.39 4.32 -10.89
CA TYR A 171 -8.01 3.78 -9.68
C TYR A 171 -7.19 2.67 -9.03
N ARG A 172 -5.91 2.53 -9.40
CA ARG A 172 -5.10 1.40 -8.94
C ARG A 172 -4.45 1.62 -7.58
N GLY A 173 -4.42 2.84 -7.07
CA GLY A 173 -3.57 3.11 -5.93
C GLY A 173 -4.12 4.13 -4.94
N HIS A 174 -3.23 4.93 -4.36
CA HIS A 174 -3.55 5.86 -3.28
C HIS A 174 -3.15 7.29 -3.65
N ASP A 175 -3.61 8.23 -2.83
CA ASP A 175 -3.42 9.66 -3.10
C ASP A 175 -1.94 10.00 -3.12
N GLU A 176 -1.47 10.45 -4.27
CA GLU A 176 -0.06 10.74 -4.46
C GLU A 176 0.40 11.90 -3.60
N GLU A 177 -0.45 12.92 -3.46
CA GLU A 177 -0.06 14.08 -2.66
C GLU A 177 0.20 13.68 -1.22
N LEU A 178 -0.65 12.80 -0.67
CA LEU A 178 -0.49 12.35 0.72
C LEU A 178 0.83 11.63 0.92
N ILE A 179 1.13 10.63 0.09
CA ILE A 179 2.38 9.89 0.26
C ILE A 179 3.57 10.79 0.00
N SER A 180 3.49 11.64 -1.03
CA SER A 180 4.60 12.57 -1.31
C SER A 180 4.88 13.46 -0.11
N HIS A 181 3.83 14.00 0.49
CA HIS A 181 3.99 14.89 1.64
C HIS A 181 4.70 14.19 2.79
N TYR A 182 4.22 12.99 3.17
CA TYR A 182 4.81 12.34 4.33
C TYR A 182 6.19 11.77 4.04
N ARG A 183 6.45 11.27 2.84
CA ARG A 183 7.81 10.85 2.50
C ARG A 183 8.78 12.03 2.66
N ARG A 184 8.40 13.20 2.12
CA ARG A 184 9.26 14.38 2.19
C ARG A 184 9.41 14.89 3.62
N GLU A 185 8.30 15.01 4.35
CA GLU A 185 8.38 15.47 5.73
C GLU A 185 9.20 14.51 6.58
N CYS A 186 9.09 13.20 6.33
CA CYS A 186 9.87 12.25 7.10
C CYS A 186 11.36 12.46 6.87
N LEU A 187 11.77 12.65 5.62
CA LEU A 187 13.19 12.89 5.36
C LEU A 187 13.64 14.17 6.05
N LEU A 188 12.82 15.22 5.97
CA LEU A 188 13.19 16.50 6.59
C LEU A 188 13.31 16.37 8.10
N LYS A 189 12.36 15.66 8.73
CA LYS A 189 12.40 15.50 10.18
C LYS A 189 13.59 14.66 10.61
N LEU A 190 13.87 13.59 9.87
CA LEU A 190 15.00 12.73 10.19
C LEU A 190 16.31 13.47 10.00
N ASN A 191 16.37 14.32 8.98
CA ASN A 191 17.55 15.16 8.79
C ASN A 191 17.73 16.14 9.95
N GLU A 192 16.65 16.77 10.42
CA GLU A 192 16.77 17.67 11.56
C GLU A 192 17.18 16.92 12.82
N GLN A 193 16.66 15.71 13.00
CA GLN A 193 17.09 14.91 14.15
C GLN A 193 18.57 14.60 14.08
N ALA A 194 19.07 14.28 12.87
CA ALA A 194 20.50 14.03 12.70
C ALA A 194 21.33 15.26 13.04
N ALA A 195 20.87 16.43 12.62
CA ALA A 195 21.64 17.65 12.88
C ALA A 195 21.65 17.97 14.37
N GLU A 196 20.51 17.80 15.04
CA GLU A 196 20.45 18.03 16.48
C GLU A 196 21.42 17.12 17.22
N LEU A 197 21.48 15.87 16.81
CA LEU A 197 22.43 14.92 17.41
C LEU A 197 23.87 15.31 17.10
N PHE A 198 24.13 15.72 15.87
CA PHE A 198 25.47 16.17 15.46
C PHE A 198 25.97 17.34 16.30
N GLU A 199 25.06 18.19 16.76
CA GLU A 199 25.42 19.38 17.52
C GLU A 199 25.58 19.10 19.00
N SER A 200 25.30 17.87 19.42
CA SER A 200 25.04 17.61 20.83
C SER A 200 26.28 17.78 21.69
N GLY A 201 27.46 17.59 21.12
CA GLY A 201 28.67 17.55 21.91
C GLY A 201 28.85 16.31 22.75
N GLU A 202 27.95 15.32 22.64
CA GLU A 202 28.12 14.02 23.27
C GLU A 202 28.45 13.02 22.18
N ASP A 203 29.57 12.31 22.34
CA ASP A 203 30.11 11.47 21.26
C ASP A 203 29.11 10.41 20.82
N ARG A 204 28.34 9.85 21.76
CA ARG A 204 27.35 8.83 21.43
C ARG A 204 26.25 9.40 20.55
N GLU A 205 25.77 10.61 20.90
CA GLU A 205 24.70 11.23 20.12
C GLU A 205 25.21 11.66 18.76
N VAL A 206 26.43 12.22 18.72
CA VAL A 206 27.02 12.60 17.43
C VAL A 206 27.13 11.39 16.50
N ASN A 207 27.61 10.26 17.04
CA ASN A 207 27.73 9.05 16.22
C ASN A 207 26.40 8.63 15.61
N ASN A 208 25.30 8.76 16.37
CA ASN A 208 23.99 8.38 15.86
C ASN A 208 23.51 9.34 14.78
N GLY A 209 23.75 10.65 14.97
CA GLY A 209 23.46 11.58 13.90
C GLY A 209 24.20 11.22 12.63
N LEU A 210 25.46 10.81 12.75
CA LEU A 210 26.22 10.43 11.56
C LEU A 210 25.72 9.13 10.95
N ILE A 211 25.23 8.20 11.77
CA ILE A 211 24.62 6.98 11.22
C ILE A 211 23.40 7.35 10.39
N ILE A 212 22.56 8.25 10.90
CA ILE A 212 21.39 8.68 10.14
C ILE A 212 21.81 9.24 8.79
N MET A 213 22.82 10.10 8.77
CA MET A 213 23.21 10.73 7.49
C MET A 213 23.81 9.72 6.52
N ASN A 214 24.70 8.86 7.02
CA ASN A 214 25.41 7.92 6.16
C ASN A 214 24.55 6.71 5.76
N GLU A 215 23.62 6.29 6.61
CA GLU A 215 22.86 5.08 6.32
C GLU A 215 21.49 5.37 5.73
N PHE A 216 20.96 6.58 5.92
CA PHE A 216 19.61 6.84 5.49
C PHE A 216 19.52 8.07 4.59
N ILE A 217 20.00 9.23 5.04
CA ILE A 217 19.76 10.44 4.26
C ILE A 217 20.56 10.43 2.96
N VAL A 218 21.88 10.22 3.03
CA VAL A 218 22.68 10.21 1.79
C VAL A 218 22.19 9.13 0.83
N PRO A 219 21.94 7.88 1.24
CA PRO A 219 21.53 6.88 0.24
C PRO A 219 20.19 7.18 -0.40
N PHE A 220 19.25 7.78 0.31
CA PHE A 220 17.90 7.96 -0.23
C PHE A 220 17.66 9.36 -0.80
N LEU A 221 18.62 10.28 -0.62
CA LEU A 221 18.48 11.62 -1.20
C LEU A 221 18.18 11.62 -2.69
N PRO A 222 18.78 10.76 -3.53
CA PRO A 222 18.45 10.77 -4.96
C PRO A 222 16.96 10.56 -5.25
N LEU A 223 16.20 9.91 -4.35
CA LEU A 223 14.79 9.67 -4.63
C LEU A 223 14.01 10.98 -4.75
N LEU A 224 14.45 12.03 -4.07
CA LEU A 224 13.78 13.32 -4.16
C LEU A 224 14.25 14.16 -5.34
N LEU A 225 15.17 13.64 -6.18
CA LEU A 225 15.74 14.40 -7.28
C LEU A 225 15.40 13.79 -8.63
N VAL A 226 14.59 12.73 -8.68
CA VAL A 226 14.38 12.02 -9.93
C VAL A 226 13.49 12.78 -10.90
N ASP A 227 12.75 13.79 -10.43
CA ASP A 227 11.75 14.45 -11.25
C ASP A 227 11.79 15.96 -11.01
N GLU A 228 12.24 16.69 -12.04
CA GLU A 228 12.32 18.14 -11.92
C GLU A 228 10.95 18.78 -11.72
N MET A 229 9.87 18.06 -12.07
CA MET A 229 8.52 18.55 -11.82
C MET A 229 8.13 18.51 -10.35
N GLU A 230 8.82 17.70 -9.53
CA GLU A 230 8.45 17.59 -8.11
C GLU A 230 9.19 18.67 -7.34
N GLU A 231 8.65 19.89 -7.40
CA GLU A 231 9.41 21.05 -6.94
C GLU A 231 9.58 21.08 -5.43
N LYS A 232 8.59 20.61 -4.66
CA LYS A 232 8.74 20.58 -3.21
C LYS A 232 9.83 19.59 -2.80
N ASP A 233 9.93 18.47 -3.51
CA ASP A 233 10.99 17.51 -3.24
C ASP A 233 12.36 18.12 -3.50
N ILE A 234 12.50 18.82 -4.62
CA ILE A 234 13.78 19.44 -4.99
C ILE A 234 14.16 20.52 -3.98
N LEU A 235 13.18 21.33 -3.57
CA LEU A 235 13.42 22.34 -2.55
C LEU A 235 13.82 21.72 -1.22
N ALA A 236 13.22 20.58 -0.87
CA ALA A 236 13.57 19.93 0.38
C ALA A 236 15.04 19.50 0.38
N VAL A 237 15.51 18.98 -0.75
CA VAL A 237 16.92 18.58 -0.86
C VAL A 237 17.83 19.79 -0.69
N GLU A 238 17.48 20.91 -1.34
CA GLU A 238 18.33 22.09 -1.17
C GLU A 238 18.35 22.56 0.28
N ASP A 239 17.21 22.50 0.97
CA ASP A 239 17.17 22.87 2.38
C ASP A 239 18.07 21.96 3.22
N MET A 240 18.04 20.66 2.93
CA MET A 240 18.88 19.73 3.69
C MET A 240 20.36 19.97 3.41
N ARG A 241 20.70 20.24 2.14
CA ARG A 241 22.09 20.54 1.81
C ARG A 241 22.54 21.83 2.47
N ASN A 242 21.66 22.83 2.51
CA ASN A 242 22.01 24.09 3.16
C ASN A 242 22.27 23.89 4.64
N ARG A 243 21.44 23.07 5.30
CA ARG A 243 21.62 22.83 6.73
C ARG A 243 23.02 22.30 7.03
N TRP A 244 23.50 21.35 6.23
CA TRP A 244 24.77 20.71 6.55
C TRP A 244 25.97 21.53 6.11
N CYS A 245 25.82 22.34 5.07
CA CYS A 245 26.95 23.22 4.73
C CYS A 245 27.12 24.35 5.73
N SER A 246 26.06 24.71 6.45
CA SER A 246 26.13 25.89 7.31
C SER A 246 27.18 25.75 8.40
N TYR A 247 27.47 24.51 8.83
CA TYR A 247 28.51 24.32 9.86
C TYR A 247 29.87 24.82 9.40
N LEU A 248 30.13 24.84 8.10
CA LEU A 248 31.43 25.26 7.60
C LEU A 248 31.53 26.78 7.45
N GLY A 249 30.49 27.51 7.84
CA GLY A 249 30.57 28.96 7.84
C GLY A 249 31.38 29.54 8.99
N GLN A 250 31.77 28.72 9.97
CA GLN A 250 32.66 29.17 11.03
C GLN A 250 33.57 28.03 11.40
N GLU A 251 34.56 28.36 12.22
CA GLU A 251 35.55 27.37 12.63
C GLU A 251 34.87 26.21 13.33
N MET A 252 35.30 25.00 12.98
CA MET A 252 34.82 23.77 13.57
C MET A 252 35.92 23.09 14.37
N GLU A 253 35.50 22.31 15.35
CA GLU A 253 36.41 21.35 15.96
C GLU A 253 36.83 20.31 14.92
N PRO A 254 38.13 19.98 14.86
CA PRO A 254 38.66 19.21 13.72
C PRO A 254 38.08 17.82 13.57
N HIS A 255 37.88 17.10 14.67
CA HIS A 255 37.31 15.76 14.56
C HIS A 255 35.90 15.81 13.99
N LEU A 256 35.10 16.77 14.45
CA LEU A 256 33.75 16.91 13.92
C LEU A 256 33.77 17.36 12.47
N GLN A 257 34.70 18.25 12.11
CA GLN A 257 34.79 18.64 10.70
C GLN A 257 35.10 17.44 9.81
N GLU A 258 36.01 16.58 10.25
CA GLU A 258 36.34 15.42 9.46
C GLU A 258 35.13 14.52 9.25
N LYS A 259 34.34 14.29 10.30
CA LYS A 259 33.16 13.44 10.16
C LYS A 259 32.14 14.05 9.23
N LEU A 260 31.99 15.38 9.27
CA LEU A 260 31.09 16.06 8.34
C LEU A 260 31.57 15.91 6.89
N THR A 261 32.83 16.24 6.62
CA THR A 261 33.26 16.19 5.22
C THR A 261 33.48 14.77 4.72
N ASP A 262 33.39 13.77 5.61
CA ASP A 262 33.34 12.38 5.18
C ASP A 262 32.10 12.08 4.35
N PHE A 263 30.96 12.71 4.67
CA PHE A 263 29.75 12.45 3.89
C PHE A 263 29.25 13.64 3.09
N LEU A 264 29.65 14.86 3.42
CA LEU A 264 29.05 16.02 2.75
C LEU A 264 29.20 16.03 1.23
N PRO A 265 30.35 15.68 0.64
CA PRO A 265 30.40 15.66 -0.84
C PRO A 265 29.36 14.77 -1.47
N LYS A 266 29.05 13.63 -0.83
CA LYS A 266 28.05 12.70 -1.35
C LYS A 266 26.63 13.22 -1.14
N LEU A 267 26.41 14.00 -0.09
CA LEU A 267 25.14 14.70 0.07
C LEU A 267 24.96 15.78 -0.99
N LEU A 268 26.06 16.44 -1.36
CA LEU A 268 25.99 17.55 -2.30
C LEU A 268 25.85 17.09 -3.73
N ASP A 269 26.37 15.91 -4.07
CA ASP A 269 26.24 15.37 -5.41
C ASP A 269 26.03 13.87 -5.28
N CYS A 270 24.77 13.44 -5.38
CA CYS A 270 24.44 12.03 -5.29
C CYS A 270 24.10 11.46 -6.66
N SER A 271 24.51 12.13 -7.73
CA SER A 271 24.13 11.70 -9.07
C SER A 271 24.76 10.38 -9.48
N MET A 272 25.84 9.96 -8.82
CA MET A 272 26.52 8.73 -9.19
C MET A 272 25.95 7.50 -8.50
N GLU A 273 25.09 7.64 -7.48
CA GLU A 273 24.55 6.51 -6.73
C GLU A 273 23.04 6.67 -6.54
N ILE A 274 22.31 6.68 -7.66
CA ILE A 274 20.87 6.91 -7.59
C ILE A 274 20.17 5.73 -6.92
N LYS A 275 20.63 4.50 -7.18
CA LYS A 275 20.06 3.33 -6.51
C LYS A 275 20.79 3.08 -5.20
N SER A 276 20.02 2.91 -4.11
CA SER A 276 20.63 2.53 -2.82
C SER A 276 20.85 1.04 -2.67
N PHE A 277 20.09 0.23 -3.40
CA PHE A 277 20.03 -1.23 -3.28
C PHE A 277 19.54 -1.67 -1.90
N HIS A 278 18.96 -0.77 -1.11
CA HIS A 278 18.45 -1.20 0.19
C HIS A 278 17.23 -2.10 0.00
N GLU A 279 17.14 -3.12 0.86
CA GLU A 279 15.99 -4.02 0.77
C GLU A 279 14.78 -3.38 1.43
N PRO A 280 13.59 -3.60 0.88
CA PRO A 280 12.37 -3.09 1.51
C PRO A 280 12.16 -3.80 2.84
N PRO A 281 11.60 -3.11 3.83
CA PRO A 281 11.25 -3.79 5.08
C PRO A 281 10.19 -4.83 4.83
N LYS A 282 10.17 -5.86 5.67
CA LYS A 282 9.22 -6.95 5.50
C LYS A 282 7.87 -6.56 6.09
N LEU A 283 6.81 -7.00 5.46
CA LEU A 283 5.50 -6.72 6.03
C LEU A 283 5.08 -7.85 6.96
N PRO A 284 4.31 -7.53 7.99
CA PRO A 284 3.71 -8.59 8.81
C PRO A 284 2.53 -9.21 8.07
N SER A 285 2.07 -10.35 8.58
CA SER A 285 0.81 -10.93 8.12
C SER A 285 -0.36 -10.08 8.61
N TYR A 286 -1.46 -10.09 7.85
CA TYR A 286 -2.61 -9.27 8.25
C TYR A 286 -3.89 -9.78 7.58
N SER A 287 -4.99 -9.61 8.30
CA SER A 287 -6.32 -9.88 7.76
C SER A 287 -6.86 -8.65 7.04
N THR A 288 -7.94 -8.86 6.29
CA THR A 288 -8.66 -7.75 5.69
C THR A 288 -9.19 -6.81 6.76
N HIS A 289 -9.80 -7.37 7.82
CA HIS A 289 -10.31 -6.56 8.91
C HIS A 289 -9.21 -5.69 9.51
N GLU A 290 -8.04 -6.27 9.75
CA GLU A 290 -6.92 -5.52 10.30
C GLU A 290 -6.46 -4.41 9.33
N LEU A 291 -6.38 -4.74 8.05
CA LEU A 291 -6.00 -3.74 7.05
C LEU A 291 -6.97 -2.57 7.07
N CYS A 292 -8.28 -2.85 7.07
CA CYS A 292 -9.27 -1.79 7.06
C CYS A 292 -9.24 -0.98 8.35
N GLU A 293 -9.15 -1.65 9.49
CA GLU A 293 -9.15 -0.94 10.77
C GLU A 293 -7.92 -0.03 10.90
N ARG A 294 -6.75 -0.54 10.54
CA ARG A 294 -5.54 0.27 10.67
C ARG A 294 -5.51 1.41 9.66
N PHE A 295 -6.04 1.20 8.45
CA PHE A 295 -6.15 2.30 7.50
C PHE A 295 -7.06 3.39 8.06
N ALA A 296 -8.23 3.01 8.57
CA ALA A 296 -9.14 3.99 9.15
C ALA A 296 -8.46 4.74 10.28
N ARG A 297 -7.76 4.01 11.14
CA ARG A 297 -7.20 4.64 12.34
C ARG A 297 -6.13 5.65 11.98
N ILE A 298 -5.26 5.32 11.02
CA ILE A 298 -4.21 6.29 10.70
C ILE A 298 -4.79 7.48 9.94
N MET A 299 -5.81 7.26 9.11
CA MET A 299 -6.42 8.38 8.42
C MET A 299 -7.14 9.32 9.39
N LEU A 300 -7.65 8.79 10.50
CA LEU A 300 -8.28 9.61 11.51
C LEU A 300 -7.28 10.23 12.46
N SER A 301 -6.00 9.85 12.37
CA SER A 301 -4.95 10.33 13.24
C SER A 301 -3.88 11.14 12.51
N LEU A 302 -4.18 11.68 11.33
CA LEU A 302 -3.17 12.38 10.56
C LEU A 302 -2.58 13.55 11.34
N SER A 303 -1.25 13.68 11.32
CA SER A 303 -0.58 14.87 11.84
C SER A 303 0.67 15.20 11.02
C1 GOL B . 13.79 1.20 -2.86
O1 GOL B . 14.37 2.44 -3.23
C2 GOL B . 13.96 1.09 -1.32
O2 GOL B . 13.11 0.15 -0.75
C3 GOL B . 15.42 0.75 -1.07
O3 GOL B . 16.08 0.73 -2.28
C1 GOL C . -3.85 -5.83 -14.97
O1 GOL C . -3.20 -4.69 -14.55
C2 GOL C . -3.47 -5.82 -16.45
O2 GOL C . -4.50 -5.39 -17.26
C3 GOL C . -2.99 -7.21 -16.72
O3 GOL C . -3.67 -7.69 -17.83
NA NA D . -12.65 7.00 1.03
#